data_7Y1S
#
_entry.id   7Y1S
#
_cell.length_a   200.245
_cell.length_b   200.245
_cell.length_c   89.022
_cell.angle_alpha   90.000
_cell.angle_beta   90.000
_cell.angle_gamma   120.000
#
_symmetry.space_group_name_H-M   'P 63 2 2'
#
loop_
_entity.id
_entity.type
_entity.pdbx_description
1 polymer 'leucyl aminopeptidase'
2 non-polymer 'CARBONATE ION'
3 non-polymer 'NICKEL (II) ION'
4 non-polymer 'ZINC ION'
5 water water
#
_entity_poly.entity_id   1
_entity_poly.type   'polypeptide(L)'
_entity_poly.pdbx_seq_one_letter_code
;MGSSHHHHHHSSGLVPRGSHMASMFYASDQLRHPETLVIGLFQKSTLSGFTKELDDKLDGHLTQLLKDGDVSAKRNRVSK
VYPPAATGMKRIYFIGMGREADYSFEDTKECFARVFQQIHQDKKQEVSVLLDTFVSGEVPAADAAHALSESCLLAVYEVQ
DYKHKSNEPDQELTSVCAVTEEDLREVQAGLNVGAAYGQGTNSARTLVNMPGNMLTATDLASYAAELAAKYDFECEILEK
DEMEELGMGGLLAVNKGSSEPPKMIVLKYQGKDQWEDVIGLVGKGITFDTGGYSIKPKTGIVGMKSDMGGAASVLGAMEI
IGELRPEQNVLAVIPSTDNMISSDAMKPDDVIVSLSGKTIEILNTDAEGRLVLADGITYAKQHGASVLVDVATLTGGVIV
ALGNEMTGAMTNNAAFYEQVAESAKESGEPIWQLPITEKDKKRVRNSQMADLNNSPGREGHAIMAGTFLGEFAENTPWVH
LDIAGTATANKATCFGPAGATGVMARTLAVLTERFTPEK
;
_entity_poly.pdbx_strand_id   A
#
# COMPACT_ATOMS: atom_id res chain seq x y z
N SER A 19 20.18 23.88 -4.31
CA SER A 19 18.86 24.57 -4.46
C SER A 19 18.06 24.63 -3.15
N HIS A 20 18.49 23.86 -2.12
CA HIS A 20 17.98 23.90 -0.74
C HIS A 20 16.47 23.72 -0.61
N MET A 21 15.82 22.81 -1.38
CA MET A 21 14.37 22.70 -1.43
C MET A 21 13.79 22.39 -0.05
N ALA A 22 12.72 23.11 0.33
CA ALA A 22 12.03 22.95 1.61
C ALA A 22 11.21 21.65 1.58
N SER A 23 11.30 20.83 2.63
CA SER A 23 10.49 19.62 2.78
C SER A 23 9.32 19.86 3.75
N MET A 24 8.24 19.06 3.68
CA MET A 24 7.12 19.31 4.57
C MET A 24 7.51 19.02 6.03
N PHE A 25 8.41 18.04 6.18
CA PHE A 25 8.80 17.60 7.50
C PHE A 25 10.22 18.10 7.77
N TYR A 26 10.39 18.78 8.91
CA TYR A 26 11.65 19.45 9.23
C TYR A 26 12.06 19.15 10.67
N ALA A 27 13.30 18.65 10.81
CA ALA A 27 13.88 18.46 12.15
C ALA A 27 14.57 19.76 12.62
N SER A 28 14.21 20.23 13.82
CA SER A 28 14.84 21.38 14.45
C SER A 28 15.12 21.09 15.93
N ASP A 29 16.03 21.87 16.54
CA ASP A 29 16.32 21.79 17.98
C ASP A 29 15.59 22.93 18.71
N GLN A 30 14.85 23.74 17.95
CA GLN A 30 14.24 24.92 18.52
C GLN A 30 12.76 24.96 18.13
N LEU A 31 11.99 25.51 19.05
CA LEU A 31 10.57 25.67 18.82
C LEU A 31 10.32 27.03 18.16
N ARG A 32 10.62 27.12 16.87
CA ARG A 32 10.47 28.38 16.15
C ARG A 32 8.99 28.70 15.90
N HIS A 33 8.15 27.68 15.85
CA HIS A 33 6.77 27.88 15.42
C HIS A 33 5.82 27.39 16.49
N PRO A 34 5.64 28.16 17.57
CA PRO A 34 4.94 27.64 18.74
C PRO A 34 3.45 27.90 18.70
N GLU A 35 2.95 28.45 17.58
CA GLU A 35 1.52 28.73 17.49
C GLU A 35 0.70 27.43 17.69
N THR A 36 1.12 26.33 17.03
CA THR A 36 0.34 25.10 17.06
C THR A 36 1.23 23.94 17.53
N LEU A 37 0.91 23.36 18.70
CA LEU A 37 1.75 22.29 19.26
C LEU A 37 1.01 20.96 19.31
N VAL A 38 1.82 19.89 19.24
CA VAL A 38 1.44 18.50 19.39
C VAL A 38 2.37 17.87 20.44
N ILE A 39 1.78 17.38 21.54
CA ILE A 39 2.52 16.80 22.66
C ILE A 39 1.89 15.47 23.07
N GLY A 40 2.72 14.41 23.10
CA GLY A 40 2.33 13.11 23.66
C GLY A 40 2.39 13.09 25.20
N LEU A 41 1.44 12.42 25.83
CA LEU A 41 1.42 12.24 27.28
C LEU A 41 1.31 10.74 27.60
N PHE A 42 2.27 10.23 28.39
CA PHE A 42 2.13 8.92 29.01
C PHE A 42 1.28 9.02 30.26
N GLN A 43 0.78 7.86 30.72
CA GLN A 43 0.11 7.76 32.01
C GLN A 43 1.08 7.59 33.19
N LYS A 44 2.26 8.27 33.15
CA LYS A 44 3.00 8.66 34.35
C LYS A 44 2.06 9.50 35.20
N SER A 45 2.39 9.68 36.47
CA SER A 45 1.59 10.60 37.27
C SER A 45 2.44 11.76 37.79
N THR A 46 3.55 12.05 37.08
CA THR A 46 4.18 13.36 37.11
C THR A 46 4.57 13.71 35.68
N LEU A 47 4.63 15.01 35.40
CA LEU A 47 5.21 15.46 34.15
C LEU A 47 6.72 15.58 34.30
N SER A 48 7.39 15.59 33.14
CA SER A 48 8.81 15.91 33.07
C SER A 48 9.06 16.68 31.77
N GLY A 49 10.32 16.67 31.34
CA GLY A 49 10.83 17.42 30.21
C GLY A 49 10.02 18.67 29.90
N PHE A 50 9.84 18.91 28.59
CA PHE A 50 9.17 20.09 28.09
C PHE A 50 7.81 20.25 28.76
N THR A 51 7.09 19.12 28.89
CA THR A 51 5.69 19.16 29.30
C THR A 51 5.58 19.80 30.67
N LYS A 52 6.49 19.42 31.60
CA LYS A 52 6.60 19.99 32.94
C LYS A 52 6.84 21.51 32.87
N GLU A 53 7.74 21.94 31.98
CA GLU A 53 8.04 23.35 31.84
C GLU A 53 6.78 24.05 31.38
N LEU A 54 6.13 23.44 30.39
CA LEU A 54 4.87 23.96 29.90
C LEU A 54 3.87 24.09 31.06
N ASP A 55 3.80 23.06 31.90
CA ASP A 55 2.83 23.08 32.97
C ASP A 55 3.04 24.32 33.83
N ASP A 56 4.31 24.57 34.19
CA ASP A 56 4.73 25.67 35.05
C ASP A 56 4.43 26.98 34.33
N LYS A 57 4.86 27.06 33.07
CA LYS A 57 4.59 28.17 32.15
C LYS A 57 3.09 28.48 32.12
N LEU A 58 2.25 27.53 32.58
CA LEU A 58 0.80 27.64 32.49
C LEU A 58 0.17 27.65 33.88
N ASP A 59 1.01 27.87 34.89
CA ASP A 59 0.61 27.98 36.28
C ASP A 59 -0.15 26.74 36.73
N GLY A 60 0.30 25.55 36.30
CA GLY A 60 -0.25 24.30 36.81
C GLY A 60 -1.60 23.92 36.19
N HIS A 61 -1.98 24.54 35.06
CA HIS A 61 -3.27 24.32 34.43
C HIS A 61 -3.36 22.90 33.86
N LEU A 62 -2.26 22.46 33.24
CA LEU A 62 -2.19 21.16 32.59
C LEU A 62 -2.38 20.05 33.63
N THR A 63 -1.75 20.22 34.80
CA THR A 63 -1.95 19.31 35.91
C THR A 63 -3.43 19.22 36.28
N GLN A 64 -4.08 20.39 36.38
CA GLN A 64 -5.46 20.46 36.81
C GLN A 64 -6.30 19.74 35.75
N LEU A 65 -6.00 20.02 34.48
CA LEU A 65 -6.81 19.45 33.40
C LEU A 65 -6.66 17.93 33.41
N LEU A 66 -5.44 17.42 33.65
CA LEU A 66 -5.27 15.98 33.71
C LEU A 66 -6.09 15.46 34.88
N LYS A 67 -6.00 16.18 36.00
CA LYS A 67 -6.62 15.78 37.26
C LYS A 67 -8.12 15.65 37.06
N ASP A 68 -8.72 16.60 36.32
CA ASP A 68 -10.16 16.69 36.14
C ASP A 68 -10.60 15.88 34.91
N GLY A 69 -9.63 15.35 34.16
CA GLY A 69 -9.96 14.52 33.01
C GLY A 69 -10.37 15.34 31.79
N ASP A 70 -10.05 16.63 31.77
CA ASP A 70 -10.28 17.40 30.56
C ASP A 70 -9.17 17.13 29.56
N VAL A 71 -8.00 16.73 30.07
CA VAL A 71 -6.94 16.29 29.19
C VAL A 71 -6.63 14.89 29.68
N SER A 72 -6.34 13.98 28.75
CA SER A 72 -6.22 12.58 29.09
C SER A 72 -4.96 12.02 28.48
N ALA A 73 -4.34 11.10 29.25
CA ALA A 73 -3.16 10.44 28.74
C ALA A 73 -3.50 9.00 28.30
N LYS A 74 -4.79 8.66 28.37
CA LYS A 74 -5.28 7.39 27.85
C LYS A 74 -4.99 7.33 26.35
N ARG A 75 -4.50 6.16 25.89
CA ARG A 75 -4.10 5.96 24.50
C ARG A 75 -5.17 6.49 23.55
N ASN A 76 -4.77 7.44 22.69
CA ASN A 76 -5.56 7.86 21.55
C ASN A 76 -6.57 8.90 21.95
N ARG A 77 -6.70 9.21 23.25
CA ARG A 77 -7.47 10.40 23.59
C ARG A 77 -6.74 11.64 23.07
N VAL A 78 -7.50 12.53 22.44
CA VAL A 78 -6.94 13.77 21.95
C VAL A 78 -7.63 14.91 22.68
N SER A 79 -6.86 15.79 23.34
CA SER A 79 -7.44 16.96 23.99
C SER A 79 -6.74 18.21 23.48
N LYS A 80 -7.56 19.21 23.12
CA LYS A 80 -7.13 20.47 22.57
C LYS A 80 -7.21 21.53 23.68
N VAL A 81 -6.07 22.12 24.04
CA VAL A 81 -6.06 23.21 24.99
C VAL A 81 -5.58 24.47 24.27
N TYR A 82 -6.28 25.57 24.54
CA TYR A 82 -5.92 26.89 24.06
C TYR A 82 -5.33 27.71 25.18
N PRO A 83 -4.00 27.86 25.27
CA PRO A 83 -3.38 28.61 26.36
C PRO A 83 -3.60 30.12 26.19
N PRO A 84 -3.44 30.91 27.27
CA PRO A 84 -3.45 32.38 27.19
C PRO A 84 -2.46 32.92 26.16
N ALA A 85 -2.88 33.98 25.46
CA ALA A 85 -2.09 34.60 24.39
C ALA A 85 -0.74 35.15 24.87
N ALA A 86 -0.66 35.68 26.10
CA ALA A 86 0.59 35.99 26.81
C ALA A 86 1.72 35.00 26.47
N THR A 87 1.49 33.69 26.59
CA THR A 87 2.42 32.65 26.17
C THR A 87 2.54 32.79 24.65
N GLY A 88 3.50 32.15 23.99
CA GLY A 88 3.49 32.33 22.54
C GLY A 88 2.60 31.35 21.76
N MET A 89 1.64 30.70 22.44
CA MET A 89 0.96 29.52 21.94
C MET A 89 -0.53 29.80 21.77
N LYS A 90 -1.09 29.32 20.66
CA LYS A 90 -2.52 29.36 20.42
C LYS A 90 -3.23 28.02 20.73
N ARG A 91 -2.70 26.87 20.25
CA ARG A 91 -3.38 25.58 20.35
C ARG A 91 -2.39 24.56 20.86
N ILE A 92 -2.83 23.71 21.80
CA ILE A 92 -2.07 22.49 22.04
C ILE A 92 -2.96 21.29 21.81
N TYR A 93 -2.49 20.39 20.95
CA TYR A 93 -3.03 19.05 20.75
C TYR A 93 -2.23 18.06 21.58
N PHE A 94 -2.81 17.67 22.70
CA PHE A 94 -2.32 16.60 23.54
C PHE A 94 -2.84 15.27 22.99
N ILE A 95 -1.95 14.31 22.82
CA ILE A 95 -2.42 12.99 22.43
C ILE A 95 -1.94 11.99 23.47
N GLY A 96 -2.91 11.33 24.13
CA GLY A 96 -2.68 10.28 25.11
C GLY A 96 -1.91 9.09 24.49
N MET A 97 -1.01 8.47 25.25
CA MET A 97 -0.23 7.38 24.67
C MET A 97 -0.39 6.10 25.49
N GLY A 98 -1.29 6.11 26.48
CA GLY A 98 -1.40 5.03 27.44
C GLY A 98 -0.17 4.92 28.34
N ARG A 99 0.11 3.66 28.72
CA ARG A 99 1.12 3.34 29.70
C ARG A 99 2.44 3.18 28.96
N GLU A 100 3.53 3.66 29.57
CA GLU A 100 4.82 3.62 28.89
C GLU A 100 5.37 2.20 28.81
N ALA A 101 4.93 1.31 29.72
CA ALA A 101 5.41 -0.06 29.71
C ALA A 101 4.85 -0.83 28.51
N ASP A 102 3.66 -0.45 28.02
CA ASP A 102 3.00 -1.14 26.90
C ASP A 102 3.28 -0.46 25.57
N TYR A 103 3.96 0.70 25.59
CA TYR A 103 4.04 1.57 24.43
C TYR A 103 4.96 0.98 23.37
N SER A 104 4.47 0.82 22.13
CA SER A 104 5.29 0.38 21.00
C SER A 104 5.21 1.29 19.77
N PHE A 105 6.18 1.12 18.86
CA PHE A 105 6.19 1.80 17.58
C PHE A 105 4.79 1.91 17.00
N GLU A 106 4.01 0.83 16.98
CA GLU A 106 2.81 0.93 16.20
C GLU A 106 1.73 1.68 16.98
N ASP A 107 1.91 1.76 18.30
CA ASP A 107 1.20 2.74 19.11
C ASP A 107 1.52 4.18 18.67
N THR A 108 2.79 4.44 18.32
CA THR A 108 3.20 5.74 17.84
C THR A 108 2.47 6.09 16.54
N LYS A 109 2.50 5.17 15.58
CA LYS A 109 1.82 5.38 14.32
C LYS A 109 0.37 5.77 14.59
N GLU A 110 -0.28 5.11 15.55
CA GLU A 110 -1.70 5.34 15.72
C GLU A 110 -1.92 6.65 16.45
N CYS A 111 -0.97 7.01 17.33
CA CYS A 111 -1.03 8.26 18.07
C CYS A 111 -0.89 9.45 17.10
N PHE A 112 0.08 9.36 16.18
CA PHE A 112 0.18 10.40 15.17
C PHE A 112 -1.07 10.45 14.30
N ALA A 113 -1.53 9.30 13.80
CA ALA A 113 -2.72 9.26 12.96
C ALA A 113 -3.91 9.92 13.67
N ARG A 114 -4.13 9.56 14.95
CA ARG A 114 -5.28 10.14 15.64
C ARG A 114 -5.17 11.66 15.71
N VAL A 115 -3.96 12.16 15.95
CA VAL A 115 -3.79 13.57 16.24
C VAL A 115 -3.82 14.40 14.96
N PHE A 116 -3.31 13.85 13.86
CA PHE A 116 -3.39 14.61 12.62
C PHE A 116 -4.75 14.45 11.96
N GLN A 117 -5.52 13.42 12.35
CA GLN A 117 -6.90 13.43 11.90
C GLN A 117 -7.55 14.73 12.39
N GLN A 118 -7.26 15.09 13.64
CA GLN A 118 -7.95 16.19 14.29
C GLN A 118 -7.44 17.53 13.73
N ILE A 119 -6.16 17.57 13.36
CA ILE A 119 -5.51 18.77 12.87
C ILE A 119 -5.96 19.03 11.44
N HIS A 120 -6.03 17.96 10.63
CA HIS A 120 -6.63 18.01 9.30
C HIS A 120 -8.06 18.56 9.36
N GLN A 121 -8.86 18.13 10.35
CA GLN A 121 -10.20 18.66 10.50
C GLN A 121 -10.13 20.13 10.83
N ASP A 122 -9.16 20.50 11.65
CA ASP A 122 -9.06 21.88 12.15
C ASP A 122 -8.50 22.81 11.08
N LYS A 123 -8.01 22.25 9.98
CA LYS A 123 -7.62 22.98 8.78
C LYS A 123 -6.36 23.82 9.02
N LYS A 124 -5.48 23.41 9.96
CA LYS A 124 -4.23 24.08 10.33
C LYS A 124 -3.12 23.82 9.31
N GLN A 125 -2.21 24.81 9.14
CA GLN A 125 -1.24 24.82 8.05
C GLN A 125 0.14 24.40 8.55
N GLU A 126 0.50 24.81 9.77
CA GLU A 126 1.81 24.58 10.34
C GLU A 126 1.67 23.96 11.73
N VAL A 127 2.57 23.03 12.07
CA VAL A 127 2.42 22.32 13.33
C VAL A 127 3.83 22.05 13.86
N SER A 128 3.98 22.22 15.17
CA SER A 128 5.23 21.83 15.80
C SER A 128 4.97 20.63 16.70
N VAL A 129 5.66 19.53 16.39
CA VAL A 129 5.52 18.34 17.20
C VAL A 129 6.72 18.29 18.13
N LEU A 130 6.41 18.10 19.41
CA LEU A 130 7.47 17.82 20.36
C LEU A 130 7.78 16.34 20.41
N LEU A 131 8.62 15.95 19.43
CA LEU A 131 8.96 14.57 19.13
C LEU A 131 9.38 13.82 20.41
N ASP A 132 10.06 14.51 21.32
CA ASP A 132 10.72 13.79 22.39
C ASP A 132 9.66 13.26 23.34
N THR A 133 8.49 13.91 23.36
CA THR A 133 7.39 13.49 24.23
C THR A 133 6.84 12.14 23.77
N PHE A 134 7.34 11.64 22.64
CA PHE A 134 6.91 10.42 21.97
C PHE A 134 7.98 9.32 22.00
N VAL A 135 9.23 9.65 22.33
CA VAL A 135 10.31 8.66 22.36
C VAL A 135 10.28 7.87 23.68
N SER A 136 10.86 6.68 23.64
CA SER A 136 10.92 5.80 24.80
C SER A 136 11.99 4.76 24.52
N GLY A 137 12.26 3.90 25.53
CA GLY A 137 13.18 2.78 25.37
C GLY A 137 12.95 2.10 24.02
N GLU A 138 11.69 1.72 23.76
CA GLU A 138 11.30 0.91 22.61
C GLU A 138 11.31 1.73 21.33
N VAL A 139 10.90 3.00 21.43
CA VAL A 139 10.74 3.83 20.26
C VAL A 139 11.74 4.98 20.32
N PRO A 140 12.94 4.89 19.68
CA PRO A 140 13.89 6.01 19.67
C PRO A 140 13.40 7.10 18.71
N ALA A 141 13.99 8.29 18.86
CA ALA A 141 13.72 9.49 18.09
C ALA A 141 13.60 9.21 16.60
N ALA A 142 14.63 8.61 15.98
CA ALA A 142 14.54 8.37 14.53
C ALA A 142 13.27 7.60 14.14
N ASP A 143 12.77 6.77 15.07
CA ASP A 143 11.65 5.88 14.81
C ASP A 143 10.35 6.68 14.93
N ALA A 144 10.14 7.31 16.10
CA ALA A 144 9.10 8.31 16.27
C ALA A 144 8.98 9.24 15.06
N ALA A 145 10.11 9.59 14.43
CA ALA A 145 10.12 10.51 13.31
C ALA A 145 9.48 9.85 12.10
N HIS A 146 9.81 8.58 11.89
CA HIS A 146 9.27 7.80 10.77
C HIS A 146 7.74 7.68 10.92
N ALA A 147 7.32 7.35 12.15
CA ALA A 147 5.92 7.21 12.51
C ALA A 147 5.16 8.48 12.15
N LEU A 148 5.73 9.61 12.57
CA LEU A 148 5.15 10.92 12.38
C LEU A 148 4.93 11.24 10.91
N SER A 149 5.97 11.18 10.07
CA SER A 149 5.75 11.60 8.69
C SER A 149 4.77 10.64 7.99
N GLU A 150 4.97 9.32 8.12
CA GLU A 150 4.13 8.33 7.47
C GLU A 150 2.69 8.48 7.96
N SER A 151 2.49 8.48 9.28
CA SER A 151 1.14 8.51 9.80
C SER A 151 0.47 9.83 9.47
N CYS A 152 1.27 10.91 9.45
CA CYS A 152 0.73 12.21 9.14
C CYS A 152 0.18 12.17 7.72
N LEU A 153 1.05 11.78 6.78
CA LEU A 153 0.64 11.76 5.38
C LEU A 153 -0.62 10.90 5.16
N LEU A 154 -0.71 9.74 5.82
CA LEU A 154 -1.85 8.86 5.62
C LEU A 154 -3.09 9.54 6.19
N ALA A 155 -3.02 9.99 7.45
CA ALA A 155 -4.17 10.62 8.09
C ALA A 155 -4.67 11.86 7.35
N VAL A 156 -3.80 12.61 6.67
CA VAL A 156 -4.35 13.89 6.23
C VAL A 156 -4.73 13.85 4.76
N TYR A 157 -4.60 12.66 4.15
CA TYR A 157 -4.91 12.45 2.74
C TYR A 157 -6.36 12.79 2.42
N GLU A 158 -6.56 13.45 1.28
CA GLU A 158 -7.92 13.71 0.82
C GLU A 158 -8.17 13.02 -0.52
N VAL A 159 -9.37 12.43 -0.62
CA VAL A 159 -9.86 11.81 -1.83
C VAL A 159 -9.90 12.86 -2.92
N GLN A 160 -9.19 12.63 -4.02
CA GLN A 160 -9.23 13.57 -5.13
C GLN A 160 -10.59 13.47 -5.80
N ASP A 161 -11.48 14.41 -5.52
CA ASP A 161 -12.85 14.37 -5.98
C ASP A 161 -13.06 15.23 -7.24
N TYR A 162 -14.25 15.17 -7.85
CA TYR A 162 -14.56 15.97 -9.04
C TYR A 162 -15.75 16.87 -8.73
N LYS A 163 -15.87 17.26 -7.44
CA LYS A 163 -16.90 18.15 -6.94
C LYS A 163 -16.68 19.57 -7.48
N HIS A 164 -17.76 20.39 -7.55
CA HIS A 164 -17.61 21.79 -7.92
C HIS A 164 -16.68 22.52 -6.92
N GLN A 171 -5.94 25.57 3.78
CA GLN A 171 -6.60 24.32 4.23
C GLN A 171 -5.56 23.21 4.38
N GLU A 172 -4.66 23.11 3.39
CA GLU A 172 -3.63 22.09 3.39
C GLU A 172 -2.62 22.36 4.49
N LEU A 173 -2.12 21.28 5.08
CA LEU A 173 -1.05 21.36 6.06
C LEU A 173 0.30 21.32 5.34
N THR A 174 1.15 22.35 5.48
CA THR A 174 2.34 22.32 4.64
C THR A 174 3.67 22.40 5.40
N SER A 175 3.63 22.53 6.73
CA SER A 175 4.86 22.43 7.49
C SER A 175 4.64 21.64 8.77
N VAL A 176 5.43 20.56 8.93
CA VAL A 176 5.46 19.95 10.25
C VAL A 176 6.90 19.95 10.71
N CYS A 177 7.10 20.57 11.87
CA CYS A 177 8.38 20.62 12.54
C CYS A 177 8.39 19.56 13.65
N ALA A 178 9.41 18.72 13.56
CA ALA A 178 9.70 17.77 14.60
C ALA A 178 10.79 18.39 15.48
N VAL A 179 10.38 18.85 16.67
CA VAL A 179 11.28 19.54 17.57
C VAL A 179 11.90 18.54 18.56
N THR A 180 13.23 18.46 18.55
CA THR A 180 13.91 17.40 19.29
C THR A 180 15.30 17.79 19.78
N GLU A 181 15.72 17.14 20.88
CA GLU A 181 17.06 17.24 21.40
C GLU A 181 17.95 16.11 20.89
N GLU A 182 17.62 15.48 19.76
CA GLU A 182 18.44 14.34 19.35
C GLU A 182 19.09 14.61 17.99
N ASP A 183 19.86 13.65 17.49
CA ASP A 183 20.62 13.95 16.28
C ASP A 183 19.66 14.37 15.15
N LEU A 184 19.78 15.62 14.70
CA LEU A 184 18.94 16.13 13.64
C LEU A 184 19.15 15.40 12.31
N ARG A 185 20.35 14.90 12.01
CA ARG A 185 20.52 14.30 10.69
C ARG A 185 19.75 12.99 10.64
N GLU A 186 19.72 12.30 11.79
CA GLU A 186 19.04 11.02 11.99
C GLU A 186 17.52 11.19 12.00
N VAL A 187 17.02 12.07 12.88
CA VAL A 187 15.61 12.38 12.94
C VAL A 187 15.08 12.78 11.55
N GLN A 188 15.74 13.72 10.89
CA GLN A 188 15.38 14.09 9.53
C GLN A 188 15.40 12.86 8.62
N ALA A 189 16.31 11.93 8.90
CA ALA A 189 16.36 10.75 8.04
C ALA A 189 15.07 9.94 8.22
N GLY A 190 14.67 9.74 9.49
CA GLY A 190 13.39 9.13 9.83
C GLY A 190 12.24 9.87 9.17
N LEU A 191 12.21 11.20 9.29
CA LEU A 191 11.11 11.92 8.68
C LEU A 191 11.10 11.62 7.18
N ASN A 192 12.28 11.54 6.57
CA ASN A 192 12.32 11.40 5.13
C ASN A 192 11.76 10.05 4.68
N VAL A 193 12.13 8.95 5.34
CA VAL A 193 11.61 7.63 4.97
C VAL A 193 10.11 7.53 5.30
N GLY A 194 9.70 7.80 6.56
CA GLY A 194 8.30 8.01 6.88
C GLY A 194 7.56 8.68 5.73
N ALA A 195 8.03 9.86 5.30
CA ALA A 195 7.37 10.61 4.23
C ALA A 195 7.36 9.88 2.88
N ALA A 196 8.41 9.11 2.56
CA ALA A 196 8.41 8.40 1.29
C ALA A 196 7.29 7.34 1.26
N TYR A 197 7.23 6.51 2.31
CA TYR A 197 6.22 5.51 2.53
C TYR A 197 4.79 6.08 2.44
N GLY A 198 4.52 7.17 3.19
CA GLY A 198 3.19 7.78 3.11
C GLY A 198 2.83 8.24 1.70
N GLN A 199 3.82 8.75 0.97
CA GLN A 199 3.61 9.39 -0.32
C GLN A 199 3.21 8.32 -1.33
N GLY A 200 3.91 7.18 -1.30
CA GLY A 200 3.63 6.07 -2.18
C GLY A 200 2.26 5.46 -1.88
N THR A 201 1.95 5.30 -0.58
CA THR A 201 0.65 4.85 -0.17
C THR A 201 -0.44 5.72 -0.81
N ASN A 202 -0.36 7.05 -0.60
CA ASN A 202 -1.37 7.99 -1.03
C ASN A 202 -1.50 8.01 -2.55
N SER A 203 -0.35 7.80 -3.20
CA SER A 203 -0.33 7.64 -4.64
C SER A 203 -1.24 6.51 -5.10
N ALA A 204 -0.99 5.31 -4.56
CA ALA A 204 -1.81 4.13 -4.71
C ALA A 204 -3.28 4.46 -4.38
N ARG A 205 -3.58 5.17 -3.26
CA ARG A 205 -4.96 5.47 -2.94
C ARG A 205 -5.60 6.21 -4.12
N THR A 206 -4.83 7.17 -4.66
CA THR A 206 -5.29 7.99 -5.76
C THR A 206 -5.67 7.13 -6.95
N LEU A 207 -4.71 6.33 -7.41
CA LEU A 207 -4.94 5.53 -8.60
C LEU A 207 -6.22 4.70 -8.37
N VAL A 208 -6.36 4.18 -7.15
CA VAL A 208 -7.44 3.26 -6.87
C VAL A 208 -8.78 3.99 -6.83
N ASN A 209 -8.83 5.17 -6.19
CA ASN A 209 -10.08 5.91 -6.06
C ASN A 209 -10.58 6.47 -7.40
N MET A 210 -9.73 6.41 -8.43
CA MET A 210 -10.11 7.10 -9.65
C MET A 210 -11.21 6.36 -10.41
N PRO A 211 -12.25 7.11 -10.84
CA PRO A 211 -13.36 6.52 -11.60
C PRO A 211 -12.78 5.85 -12.83
N GLY A 212 -13.36 4.72 -13.20
CA GLY A 212 -12.81 3.91 -14.26
C GLY A 212 -12.73 4.64 -15.59
N ASN A 213 -13.67 5.54 -15.90
CA ASN A 213 -13.61 6.31 -17.14
C ASN A 213 -12.51 7.37 -17.04
N MET A 214 -12.02 7.68 -15.84
CA MET A 214 -10.83 8.49 -15.70
C MET A 214 -9.57 7.64 -15.60
N LEU A 215 -9.60 6.29 -15.61
CA LEU A 215 -8.29 5.64 -15.54
C LEU A 215 -8.26 4.33 -16.33
N THR A 216 -8.11 4.43 -17.65
CA THR A 216 -8.02 3.28 -18.50
C THR A 216 -6.62 2.69 -18.39
N ALA A 217 -6.42 1.53 -19.03
CA ALA A 217 -5.07 1.01 -19.10
C ALA A 217 -4.15 2.08 -19.70
N THR A 218 -4.70 2.86 -20.65
CA THR A 218 -3.87 3.89 -21.28
C THR A 218 -3.41 4.90 -20.22
N ASP A 219 -4.38 5.46 -19.44
CA ASP A 219 -4.02 6.39 -18.38
C ASP A 219 -3.02 5.76 -17.43
N LEU A 220 -3.23 4.47 -17.10
CA LEU A 220 -2.33 3.81 -16.17
C LEU A 220 -0.91 3.79 -16.75
N ALA A 221 -0.81 3.58 -18.06
CA ALA A 221 0.49 3.59 -18.75
C ALA A 221 1.13 4.99 -18.77
N SER A 222 0.36 6.07 -18.96
CA SER A 222 0.98 7.38 -18.78
C SER A 222 1.54 7.52 -17.36
N TYR A 223 0.74 7.15 -16.37
CA TYR A 223 1.19 7.36 -15.02
C TYR A 223 2.54 6.69 -14.87
N ALA A 224 2.67 5.47 -15.42
CA ALA A 224 3.89 4.70 -15.20
C ALA A 224 5.08 5.41 -15.85
N ALA A 225 4.85 5.99 -17.04
CA ALA A 225 5.85 6.68 -17.83
C ALA A 225 6.33 7.93 -17.07
N GLU A 226 5.37 8.71 -16.56
CA GLU A 226 5.69 9.86 -15.73
C GLU A 226 6.57 9.42 -14.57
N LEU A 227 6.27 8.26 -13.99
CA LEU A 227 7.00 7.78 -12.83
C LEU A 227 8.41 7.40 -13.27
N ALA A 228 8.49 6.90 -14.51
CA ALA A 228 9.73 6.33 -15.03
C ALA A 228 10.71 7.46 -15.32
N ALA A 229 10.17 8.51 -15.96
CA ALA A 229 10.84 9.78 -16.16
C ALA A 229 11.32 10.33 -14.82
N LYS A 230 10.38 10.73 -13.96
CA LYS A 230 10.70 11.29 -12.65
C LYS A 230 11.82 10.55 -11.93
N TYR A 231 11.89 9.21 -11.97
CA TYR A 231 12.79 8.49 -11.07
C TYR A 231 13.86 7.77 -11.87
N ASP A 232 13.83 8.04 -13.19
CA ASP A 232 14.78 7.47 -14.12
C ASP A 232 14.78 5.95 -13.97
N PHE A 233 13.64 5.33 -14.33
CA PHE A 233 13.56 3.89 -14.37
C PHE A 233 13.49 3.58 -15.85
N GLU A 234 13.90 2.38 -16.27
CA GLU A 234 13.58 1.91 -17.61
C GLU A 234 12.08 1.59 -17.68
N CYS A 235 11.38 2.07 -18.72
CA CYS A 235 9.97 1.81 -18.87
C CYS A 235 9.74 1.23 -20.25
N GLU A 236 9.10 0.06 -20.34
CA GLU A 236 8.56 -0.34 -21.63
C GLU A 236 7.06 -0.58 -21.49
N ILE A 237 6.31 -0.19 -22.53
CA ILE A 237 4.88 -0.39 -22.56
C ILE A 237 4.50 -1.13 -23.84
N LEU A 238 4.22 -2.44 -23.70
CA LEU A 238 3.82 -3.32 -24.79
C LEU A 238 2.37 -3.04 -25.19
N GLU A 239 2.09 -3.09 -26.49
CA GLU A 239 0.75 -2.77 -26.98
C GLU A 239 0.19 -4.07 -27.53
N LYS A 240 -1.09 -4.03 -27.92
CA LYS A 240 -1.80 -5.20 -28.42
C LYS A 240 -0.97 -6.01 -29.44
N ASP A 241 -0.43 -5.34 -30.47
CA ASP A 241 0.21 -6.02 -31.58
C ASP A 241 1.46 -6.78 -31.12
N GLU A 242 2.24 -6.19 -30.22
CA GLU A 242 3.42 -6.88 -29.70
C GLU A 242 3.00 -8.07 -28.85
N MET A 243 1.83 -7.94 -28.19
CA MET A 243 1.24 -8.97 -27.36
C MET A 243 0.78 -10.13 -28.24
N GLU A 244 0.14 -9.81 -29.37
CA GLU A 244 -0.21 -10.82 -30.35
C GLU A 244 1.06 -11.55 -30.81
N GLU A 245 2.10 -10.80 -31.25
CA GLU A 245 3.32 -11.43 -31.77
C GLU A 245 3.93 -12.33 -30.72
N LEU A 246 4.08 -11.84 -29.48
CA LEU A 246 4.62 -12.60 -28.37
C LEU A 246 3.72 -13.73 -27.86
N GLY A 247 2.43 -13.80 -28.25
CA GLY A 247 1.53 -14.84 -27.77
C GLY A 247 1.01 -14.64 -26.32
N MET A 248 0.65 -13.40 -25.95
CA MET A 248 0.13 -13.15 -24.61
C MET A 248 -1.38 -13.42 -24.55
N GLY A 249 -1.76 -14.70 -24.51
CA GLY A 249 -3.13 -15.14 -24.70
C GLY A 249 -4.07 -14.86 -23.53
N GLY A 250 -3.49 -14.82 -22.31
CA GLY A 250 -4.19 -14.49 -21.08
C GLY A 250 -4.71 -13.06 -21.13
N LEU A 251 -3.77 -12.14 -21.25
CA LEU A 251 -4.08 -10.72 -21.31
C LEU A 251 -4.91 -10.41 -22.55
N LEU A 252 -4.71 -11.13 -23.68
CA LEU A 252 -5.50 -10.82 -24.86
C LEU A 252 -6.91 -11.39 -24.77
N ALA A 253 -7.07 -12.52 -24.07
CA ALA A 253 -8.41 -13.06 -23.87
C ALA A 253 -9.23 -12.04 -23.06
N VAL A 254 -8.64 -11.51 -21.98
CA VAL A 254 -9.46 -10.63 -21.18
C VAL A 254 -9.82 -9.37 -21.97
N ASN A 255 -8.89 -8.93 -22.83
CA ASN A 255 -9.08 -7.67 -23.57
C ASN A 255 -10.02 -7.81 -24.78
N LYS A 256 -10.39 -9.05 -25.20
CA LYS A 256 -11.17 -9.24 -26.42
C LYS A 256 -12.50 -8.47 -26.41
N GLY A 257 -13.10 -8.25 -25.24
CA GLY A 257 -14.39 -7.59 -25.19
C GLY A 257 -14.26 -6.05 -25.11
N SER A 258 -13.03 -5.55 -25.15
CA SER A 258 -12.77 -4.15 -24.84
C SER A 258 -12.60 -3.36 -26.14
N SER A 259 -12.99 -2.09 -26.13
CA SER A 259 -12.52 -1.21 -27.19
C SER A 259 -11.34 -0.41 -26.67
N GLU A 260 -11.31 -0.15 -25.36
CA GLU A 260 -10.11 0.38 -24.74
C GLU A 260 -8.93 -0.58 -24.94
N PRO A 261 -7.82 -0.17 -25.64
CA PRO A 261 -6.69 -1.10 -25.83
C PRO A 261 -6.02 -1.51 -24.52
N PRO A 262 -5.31 -2.66 -24.54
CA PRO A 262 -4.54 -3.15 -23.39
C PRO A 262 -3.15 -2.55 -23.31
N LYS A 263 -2.49 -2.80 -22.19
CA LYS A 263 -1.11 -2.43 -21.94
C LYS A 263 -0.47 -3.48 -21.01
N MET A 264 0.77 -3.84 -21.34
CA MET A 264 1.64 -4.48 -20.37
C MET A 264 2.73 -3.46 -20.04
N ILE A 265 2.70 -2.97 -18.81
CA ILE A 265 3.56 -1.92 -18.31
C ILE A 265 4.77 -2.56 -17.62
N VAL A 266 5.98 -2.20 -18.06
CA VAL A 266 7.16 -2.77 -17.44
C VAL A 266 8.07 -1.65 -16.96
N LEU A 267 8.57 -1.81 -15.73
CA LEU A 267 9.44 -0.83 -15.13
C LEU A 267 10.65 -1.59 -14.59
N LYS A 268 11.85 -1.05 -14.89
CA LYS A 268 13.14 -1.59 -14.51
C LYS A 268 13.80 -0.55 -13.61
N TYR A 269 14.24 -0.99 -12.44
CA TYR A 269 15.08 -0.19 -11.57
C TYR A 269 16.27 -1.06 -11.19
N GLN A 270 17.45 -0.73 -11.74
CA GLN A 270 18.66 -1.49 -11.45
C GLN A 270 19.49 -0.73 -10.42
N GLY A 271 19.47 -1.13 -9.14
CA GLY A 271 20.17 -0.37 -8.10
C GLY A 271 21.42 -1.08 -7.58
N LYS A 272 21.83 -2.13 -8.29
CA LYS A 272 23.02 -2.93 -8.06
C LYS A 272 23.81 -2.94 -9.37
N ASP A 273 25.14 -3.10 -9.31
CA ASP A 273 25.95 -3.01 -10.52
C ASP A 273 25.58 -4.13 -11.50
N GLN A 274 25.10 -5.26 -10.99
CA GLN A 274 24.76 -6.39 -11.85
C GLN A 274 23.25 -6.68 -11.81
N TRP A 275 22.64 -6.71 -13.00
CA TRP A 275 21.27 -7.13 -13.18
C TRP A 275 21.15 -8.61 -12.82
N GLU A 276 20.93 -8.89 -11.53
CA GLU A 276 20.85 -10.25 -11.01
C GLU A 276 20.11 -10.17 -9.69
N ASP A 277 19.78 -11.33 -9.11
CA ASP A 277 18.87 -11.36 -7.97
C ASP A 277 17.72 -10.35 -8.14
N VAL A 278 17.09 -10.31 -9.33
CA VAL A 278 16.02 -9.38 -9.65
C VAL A 278 14.71 -9.77 -8.94
N ILE A 279 14.11 -8.82 -8.22
CA ILE A 279 12.81 -8.96 -7.58
C ILE A 279 11.71 -8.55 -8.55
N GLY A 280 10.90 -9.53 -9.01
CA GLY A 280 9.74 -9.26 -9.86
C GLY A 280 8.48 -8.99 -9.03
N LEU A 281 7.85 -7.83 -9.25
CA LEU A 281 6.57 -7.50 -8.64
C LEU A 281 5.51 -7.38 -9.73
N VAL A 282 4.50 -8.27 -9.68
CA VAL A 282 3.43 -8.27 -10.68
C VAL A 282 2.14 -7.79 -10.01
N GLY A 283 1.49 -6.80 -10.62
CA GLY A 283 0.25 -6.20 -10.16
C GLY A 283 -0.91 -6.45 -11.14
N LYS A 284 -2.04 -6.92 -10.62
CA LYS A 284 -3.25 -6.99 -11.43
C LYS A 284 -3.73 -5.57 -11.76
N GLY A 285 -3.71 -5.21 -13.06
CA GLY A 285 -4.17 -3.88 -13.45
C GLY A 285 -5.46 -3.88 -14.27
N ILE A 286 -6.49 -4.55 -13.76
CA ILE A 286 -7.77 -4.53 -14.44
C ILE A 286 -8.44 -3.22 -14.07
N THR A 287 -8.71 -2.38 -15.07
CA THR A 287 -9.06 -1.00 -14.78
C THR A 287 -10.56 -0.87 -14.50
N PHE A 288 -11.33 -1.82 -15.02
CA PHE A 288 -12.71 -2.01 -14.60
C PHE A 288 -13.12 -3.46 -14.85
N ASP A 289 -13.77 -4.06 -13.84
CA ASP A 289 -14.22 -5.45 -13.86
C ASP A 289 -15.76 -5.46 -13.96
N THR A 290 -16.32 -5.74 -15.14
CA THR A 290 -17.76 -5.94 -15.24
C THR A 290 -18.08 -7.40 -14.90
N GLY A 291 -17.06 -8.27 -14.95
CA GLY A 291 -17.26 -9.68 -14.79
C GLY A 291 -17.41 -10.40 -16.13
N GLY A 292 -17.64 -9.65 -17.21
CA GLY A 292 -17.67 -10.31 -18.50
C GLY A 292 -18.95 -11.13 -18.63
N TYR A 293 -18.93 -12.16 -19.48
CA TYR A 293 -20.15 -12.85 -19.85
C TYR A 293 -20.75 -13.56 -18.65
N SER A 294 -19.88 -14.11 -17.80
CA SER A 294 -20.32 -14.62 -16.51
C SER A 294 -20.65 -13.41 -15.63
N ILE A 295 -21.81 -12.77 -15.83
CA ILE A 295 -22.02 -11.40 -15.38
C ILE A 295 -22.09 -11.32 -13.85
N LYS A 296 -21.66 -10.18 -13.30
CA LYS A 296 -21.71 -9.80 -11.88
C LYS A 296 -23.06 -9.15 -11.49
N PRO A 297 -23.62 -9.40 -10.26
CA PRO A 297 -24.87 -8.76 -9.81
C PRO A 297 -24.79 -7.24 -9.60
N LYS A 298 -25.97 -6.60 -9.48
CA LYS A 298 -26.17 -5.16 -9.44
C LYS A 298 -25.36 -4.49 -8.32
N THR A 299 -25.17 -5.20 -7.20
CA THR A 299 -24.49 -4.67 -6.02
C THR A 299 -22.98 -4.93 -6.09
N GLY A 300 -22.60 -6.03 -6.77
CA GLY A 300 -21.24 -6.55 -6.85
C GLY A 300 -20.31 -5.75 -7.76
N ILE A 301 -20.87 -5.06 -8.76
CA ILE A 301 -20.15 -4.32 -9.82
C ILE A 301 -19.74 -2.90 -9.40
N VAL A 302 -20.49 -2.26 -8.48
CA VAL A 302 -20.14 -0.98 -7.84
C VAL A 302 -18.81 -1.15 -7.13
N GLY A 303 -17.89 -0.20 -7.35
CA GLY A 303 -16.59 -0.18 -6.73
C GLY A 303 -15.54 -0.99 -7.49
N MET A 304 -15.86 -1.48 -8.71
CA MET A 304 -14.97 -2.33 -9.50
C MET A 304 -13.98 -1.51 -10.33
N LYS A 305 -14.00 -0.19 -10.14
CA LYS A 305 -12.88 0.64 -10.56
C LYS A 305 -11.64 0.26 -9.75
N SER A 306 -11.84 -0.46 -8.63
CA SER A 306 -10.77 -0.67 -7.67
C SER A 306 -10.08 -2.01 -7.91
N ASP A 307 -10.37 -2.57 -9.08
CA ASP A 307 -9.81 -3.86 -9.43
C ASP A 307 -8.36 -3.76 -9.94
N MET A 308 -7.79 -2.53 -9.88
CA MET A 308 -6.41 -2.36 -10.29
C MET A 308 -5.55 -2.11 -9.06
N GLY A 309 -6.13 -2.44 -7.90
CA GLY A 309 -5.55 -2.22 -6.57
C GLY A 309 -4.13 -2.74 -6.50
N GLY A 310 -3.92 -3.89 -7.17
CA GLY A 310 -2.63 -4.58 -7.22
C GLY A 310 -1.60 -3.75 -7.98
N ALA A 311 -2.01 -3.22 -9.13
CA ALA A 311 -1.20 -2.27 -9.86
C ALA A 311 -0.88 -1.05 -8.99
N ALA A 312 -1.86 -0.54 -8.25
CA ALA A 312 -1.60 0.61 -7.40
C ALA A 312 -0.48 0.25 -6.46
N SER A 313 -0.60 -0.92 -5.83
CA SER A 313 0.40 -1.42 -4.90
C SER A 313 1.78 -1.32 -5.53
N VAL A 314 1.94 -1.87 -6.75
CA VAL A 314 3.30 -1.93 -7.23
C VAL A 314 3.79 -0.55 -7.65
N LEU A 315 2.94 0.23 -8.31
CA LEU A 315 3.30 1.59 -8.70
C LEU A 315 3.62 2.40 -7.45
N GLY A 316 2.77 2.29 -6.43
CA GLY A 316 3.05 2.98 -5.18
C GLY A 316 4.43 2.59 -4.66
N ALA A 317 4.80 1.32 -4.82
CA ALA A 317 6.04 0.84 -4.23
C ALA A 317 7.23 1.27 -5.11
N MET A 318 7.02 1.38 -6.42
CA MET A 318 8.07 1.91 -7.28
C MET A 318 8.39 3.35 -6.86
N GLU A 319 7.36 4.16 -6.63
CA GLU A 319 7.59 5.51 -6.18
C GLU A 319 8.50 5.50 -4.94
N ILE A 320 8.25 4.58 -4.00
CA ILE A 320 8.97 4.58 -2.75
C ILE A 320 10.43 4.20 -3.03
N ILE A 321 10.62 3.23 -3.91
CA ILE A 321 11.94 2.75 -4.25
C ILE A 321 12.72 3.86 -4.96
N GLY A 322 12.02 4.66 -5.78
CA GLY A 322 12.58 5.75 -6.56
C GLY A 322 13.08 6.85 -5.65
N GLU A 323 12.35 7.05 -4.56
CA GLU A 323 12.74 8.00 -3.54
C GLU A 323 13.91 7.49 -2.70
N LEU A 324 13.99 6.20 -2.36
CA LEU A 324 15.00 5.75 -1.39
C LEU A 324 16.17 5.01 -2.04
N ARG A 325 16.17 4.91 -3.37
CA ARG A 325 17.18 4.21 -4.16
C ARG A 325 17.90 3.10 -3.38
N PRO A 326 17.25 1.96 -3.03
CA PRO A 326 17.98 0.86 -2.39
C PRO A 326 18.80 0.04 -3.38
N GLU A 327 19.76 -0.71 -2.81
CA GLU A 327 20.70 -1.47 -3.58
C GLU A 327 20.08 -2.82 -3.94
N GLN A 328 19.16 -2.78 -4.92
CA GLN A 328 18.37 -3.94 -5.29
C GLN A 328 17.85 -3.71 -6.68
N ASN A 329 17.64 -4.81 -7.40
CA ASN A 329 17.04 -4.71 -8.72
C ASN A 329 15.58 -5.14 -8.65
N VAL A 330 14.75 -4.42 -9.40
CA VAL A 330 13.32 -4.60 -9.37
C VAL A 330 12.77 -4.48 -10.78
N LEU A 331 12.01 -5.50 -11.20
CA LEU A 331 11.23 -5.49 -12.43
C LEU A 331 9.76 -5.42 -12.02
N ALA A 332 9.05 -4.37 -12.43
CA ALA A 332 7.63 -4.25 -12.17
C ALA A 332 6.86 -4.57 -13.43
N VAL A 333 5.92 -5.51 -13.33
CA VAL A 333 5.14 -5.88 -14.50
C VAL A 333 3.67 -5.80 -14.14
N ILE A 334 2.91 -5.07 -14.95
CA ILE A 334 1.52 -4.80 -14.69
C ILE A 334 0.76 -5.08 -15.97
N PRO A 335 0.06 -6.23 -16.10
CA PRO A 335 -0.87 -6.44 -17.22
C PRO A 335 -2.10 -5.60 -16.90
N SER A 336 -2.58 -4.86 -17.90
CA SER A 336 -3.64 -3.90 -17.65
C SER A 336 -4.66 -3.95 -18.80
N THR A 337 -5.93 -3.96 -18.44
CA THR A 337 -7.07 -4.04 -19.36
C THR A 337 -8.33 -3.91 -18.53
N ASP A 338 -9.43 -3.59 -19.21
CA ASP A 338 -10.74 -3.64 -18.60
C ASP A 338 -11.35 -4.98 -19.01
N ASN A 339 -12.38 -5.42 -18.28
CA ASN A 339 -13.05 -6.68 -18.52
C ASN A 339 -14.53 -6.41 -18.83
N MET A 340 -14.91 -6.61 -20.11
CA MET A 340 -16.14 -6.03 -20.63
C MET A 340 -16.94 -7.08 -21.41
N ILE A 341 -18.21 -6.74 -21.65
CA ILE A 341 -19.06 -7.55 -22.47
C ILE A 341 -19.15 -6.91 -23.86
N SER A 342 -19.14 -7.74 -24.91
CA SER A 342 -19.34 -7.26 -26.27
C SER A 342 -19.57 -8.50 -27.14
N SER A 343 -19.65 -8.29 -28.47
CA SER A 343 -19.80 -9.37 -29.44
C SER A 343 -18.59 -10.30 -29.50
N ASP A 344 -17.46 -9.90 -28.91
CA ASP A 344 -16.26 -10.69 -29.06
C ASP A 344 -15.64 -11.03 -27.72
N ALA A 345 -16.33 -10.74 -26.62
CA ALA A 345 -15.68 -10.97 -25.34
C ALA A 345 -15.39 -12.46 -25.20
N MET A 346 -14.39 -12.81 -24.38
CA MET A 346 -14.17 -14.21 -24.01
C MET A 346 -15.46 -14.86 -23.48
N LYS A 347 -15.63 -16.16 -23.71
CA LYS A 347 -16.84 -16.85 -23.29
C LYS A 347 -16.46 -18.01 -22.37
N PRO A 348 -17.32 -18.38 -21.40
CA PRO A 348 -17.12 -19.60 -20.61
C PRO A 348 -16.88 -20.76 -21.57
N ASP A 349 -15.99 -21.69 -21.18
CA ASP A 349 -15.66 -22.85 -21.99
C ASP A 349 -14.64 -22.54 -23.08
N ASP A 350 -14.29 -21.27 -23.34
CA ASP A 350 -13.19 -20.99 -24.25
C ASP A 350 -11.92 -21.65 -23.72
N VAL A 351 -11.04 -22.06 -24.64
CA VAL A 351 -9.72 -22.51 -24.22
C VAL A 351 -8.67 -21.57 -24.79
N ILE A 352 -7.67 -21.22 -23.95
CA ILE A 352 -6.73 -20.20 -24.38
C ILE A 352 -5.29 -20.66 -24.12
N VAL A 353 -4.38 -20.09 -24.93
CA VAL A 353 -2.96 -20.38 -24.78
C VAL A 353 -2.34 -19.16 -24.14
N SER A 354 -1.93 -19.33 -22.87
CA SER A 354 -1.21 -18.34 -22.10
C SER A 354 0.14 -18.08 -22.77
N LEU A 355 0.80 -17.00 -22.33
CA LEU A 355 2.18 -16.76 -22.69
C LEU A 355 3.06 -17.97 -22.44
N SER A 356 2.95 -18.61 -21.27
CA SER A 356 3.83 -19.71 -20.93
C SER A 356 3.61 -20.85 -21.91
N GLY A 357 2.48 -20.82 -22.64
CA GLY A 357 2.14 -21.93 -23.50
C GLY A 357 1.21 -22.95 -22.85
N LYS A 358 1.10 -22.94 -21.50
CA LYS A 358 -0.03 -23.60 -20.82
C LYS A 358 -1.40 -23.16 -21.37
N THR A 359 -2.29 -24.14 -21.49
CA THR A 359 -3.65 -23.86 -21.95
C THR A 359 -4.58 -23.77 -20.76
N ILE A 360 -5.54 -22.85 -20.85
CA ILE A 360 -6.44 -22.56 -19.76
C ILE A 360 -7.86 -22.65 -20.29
N GLU A 361 -8.74 -23.37 -19.55
CA GLU A 361 -10.17 -23.35 -19.81
C GLU A 361 -10.84 -22.26 -18.98
N ILE A 362 -11.63 -21.43 -19.65
CA ILE A 362 -12.32 -20.37 -18.94
C ILE A 362 -13.67 -20.90 -18.49
N LEU A 363 -13.72 -21.42 -17.27
CA LEU A 363 -14.97 -21.84 -16.64
C LEU A 363 -15.80 -20.63 -16.22
N ASN A 364 -15.15 -19.50 -15.94
CA ASN A 364 -15.78 -18.32 -15.38
C ASN A 364 -15.04 -17.06 -15.87
N THR A 365 -15.76 -16.18 -16.58
CA THR A 365 -15.08 -14.98 -17.07
C THR A 365 -14.83 -13.93 -15.96
N ASP A 366 -15.30 -14.17 -14.73
CA ASP A 366 -15.08 -13.20 -13.67
C ASP A 366 -13.77 -13.53 -12.97
N ALA A 367 -13.20 -14.69 -13.31
CA ALA A 367 -11.88 -15.06 -12.85
C ALA A 367 -10.87 -14.64 -13.94
N GLU A 368 -10.86 -13.33 -14.24
CA GLU A 368 -10.10 -12.80 -15.36
C GLU A 368 -8.72 -12.36 -14.87
N GLY A 369 -8.65 -12.05 -13.57
CA GLY A 369 -7.46 -11.50 -12.94
C GLY A 369 -6.29 -12.47 -13.01
N ARG A 370 -6.61 -13.73 -12.76
CA ARG A 370 -5.57 -14.73 -12.72
C ARG A 370 -5.11 -15.03 -14.13
N LEU A 371 -5.95 -14.74 -15.15
CA LEU A 371 -5.48 -14.91 -16.51
C LEU A 371 -4.39 -13.88 -16.83
N VAL A 372 -4.62 -12.62 -16.43
CA VAL A 372 -3.66 -11.58 -16.77
C VAL A 372 -2.40 -11.70 -15.92
N LEU A 373 -2.56 -11.99 -14.61
CA LEU A 373 -1.43 -12.28 -13.75
C LEU A 373 -0.59 -13.44 -14.29
N ALA A 374 -1.21 -14.38 -14.99
CA ALA A 374 -0.44 -15.55 -15.40
C ALA A 374 0.59 -15.13 -16.43
N ASP A 375 0.17 -14.37 -17.45
CA ASP A 375 1.04 -13.73 -18.42
C ASP A 375 2.05 -12.78 -17.75
N GLY A 376 1.61 -11.98 -16.79
CA GLY A 376 2.52 -11.08 -16.10
C GLY A 376 3.67 -11.83 -15.45
N ILE A 377 3.33 -12.90 -14.74
CA ILE A 377 4.29 -13.75 -14.04
C ILE A 377 5.18 -14.43 -15.08
N THR A 378 4.63 -14.90 -16.21
CA THR A 378 5.57 -15.59 -17.09
C THR A 378 6.51 -14.58 -17.71
N TYR A 379 5.98 -13.40 -18.07
CA TYR A 379 6.84 -12.36 -18.59
C TYR A 379 7.95 -12.03 -17.58
N ALA A 380 7.58 -11.72 -16.33
CA ALA A 380 8.58 -11.36 -15.36
C ALA A 380 9.71 -12.38 -15.33
N LYS A 381 9.35 -13.67 -15.40
CA LYS A 381 10.31 -14.77 -15.34
C LYS A 381 11.22 -14.71 -16.57
N GLN A 382 10.60 -14.56 -17.73
CA GLN A 382 11.31 -14.41 -18.99
C GLN A 382 12.26 -13.21 -18.95
N HIS A 383 12.05 -12.23 -18.07
CA HIS A 383 12.86 -11.01 -18.09
C HIS A 383 13.75 -10.94 -16.84
N GLY A 384 14.07 -12.12 -16.28
CA GLY A 384 15.16 -12.30 -15.33
C GLY A 384 14.71 -12.20 -13.88
N ALA A 385 13.40 -12.23 -13.65
CA ALA A 385 12.95 -12.18 -12.26
C ALA A 385 13.50 -13.41 -11.54
N SER A 386 13.99 -13.21 -10.31
CA SER A 386 14.50 -14.41 -9.71
C SER A 386 13.77 -14.70 -8.41
N VAL A 387 13.01 -13.72 -7.91
CA VAL A 387 11.88 -13.99 -7.02
C VAL A 387 10.67 -13.20 -7.51
N LEU A 388 9.44 -13.64 -7.11
CA LEU A 388 8.21 -12.97 -7.55
C LEU A 388 7.29 -12.67 -6.36
N VAL A 389 6.61 -11.52 -6.44
CA VAL A 389 5.45 -11.20 -5.63
C VAL A 389 4.38 -10.60 -6.55
N ASP A 390 3.20 -11.27 -6.60
CA ASP A 390 2.07 -10.73 -7.34
C ASP A 390 1.12 -10.10 -6.33
N VAL A 391 0.46 -8.99 -6.71
CA VAL A 391 -0.53 -8.39 -5.84
C VAL A 391 -1.80 -8.15 -6.64
N ALA A 392 -2.91 -8.68 -6.13
CA ALA A 392 -4.15 -8.64 -6.88
C ALA A 392 -5.27 -8.54 -5.88
N THR A 393 -6.26 -7.71 -6.20
CA THR A 393 -7.59 -7.83 -5.63
C THR A 393 -8.28 -8.93 -6.42
N LEU A 394 -8.21 -10.15 -5.86
CA LEU A 394 -8.41 -11.30 -6.71
C LEU A 394 -9.71 -12.04 -6.39
N THR A 395 -10.03 -12.31 -5.11
CA THR A 395 -11.19 -13.18 -4.87
C THR A 395 -12.05 -12.66 -3.73
N GLY A 396 -13.39 -12.76 -3.86
CA GLY A 396 -14.27 -12.58 -2.71
C GLY A 396 -13.90 -13.54 -1.57
N GLY A 397 -13.35 -14.72 -1.94
CA GLY A 397 -13.11 -15.79 -1.01
C GLY A 397 -12.15 -15.34 0.08
N VAL A 398 -11.21 -14.45 -0.30
CA VAL A 398 -10.24 -14.09 0.71
C VAL A 398 -10.94 -13.34 1.85
N ILE A 399 -12.01 -12.61 1.49
CA ILE A 399 -12.75 -11.81 2.46
C ILE A 399 -13.49 -12.75 3.41
N VAL A 400 -13.95 -13.88 2.86
CA VAL A 400 -14.69 -14.84 3.65
C VAL A 400 -13.70 -15.52 4.58
N ALA A 401 -12.49 -15.80 4.05
CA ALA A 401 -11.47 -16.54 4.80
C ALA A 401 -10.88 -15.69 5.93
N LEU A 402 -10.58 -14.41 5.67
CA LEU A 402 -9.70 -13.69 6.58
C LEU A 402 -10.25 -12.33 7.01
N GLY A 403 -11.36 -11.89 6.37
CA GLY A 403 -11.94 -10.58 6.62
C GLY A 403 -11.36 -9.49 5.72
N ASN A 404 -11.76 -8.24 6.03
CA ASN A 404 -11.33 -7.06 5.26
C ASN A 404 -10.01 -6.46 5.74
N GLU A 405 -9.41 -6.97 6.82
CA GLU A 405 -8.28 -6.25 7.36
C GLU A 405 -7.02 -7.10 7.48
N MET A 406 -6.93 -8.18 6.71
CA MET A 406 -5.85 -9.14 6.81
C MET A 406 -5.70 -9.69 5.40
N THR A 407 -4.60 -9.37 4.75
CA THR A 407 -4.38 -9.75 3.37
C THR A 407 -4.01 -11.21 3.35
N GLY A 408 -4.47 -11.94 2.33
CA GLY A 408 -4.14 -13.35 2.27
C GLY A 408 -2.85 -13.59 1.48
N ALA A 409 -2.07 -14.60 1.89
CA ALA A 409 -0.85 -14.87 1.14
C ALA A 409 -0.75 -16.36 0.83
N MET A 410 -0.16 -16.64 -0.35
CA MET A 410 0.18 -17.98 -0.78
C MET A 410 1.57 -17.97 -1.40
N THR A 411 2.26 -19.11 -1.29
CA THR A 411 3.66 -19.13 -1.67
C THR A 411 4.04 -20.51 -2.20
N ASN A 412 5.16 -20.61 -2.91
CA ASN A 412 5.65 -21.94 -3.26
C ASN A 412 7.03 -22.16 -2.65
N ASN A 413 7.40 -21.36 -1.65
CA ASN A 413 8.76 -21.26 -1.11
C ASN A 413 8.76 -20.58 0.26
N ALA A 414 8.84 -21.38 1.32
CA ALA A 414 8.86 -20.90 2.69
C ALA A 414 9.96 -19.86 2.96
N ALA A 415 11.15 -20.03 2.37
CA ALA A 415 12.23 -19.12 2.75
C ALA A 415 11.89 -17.70 2.30
N PHE A 416 11.48 -17.60 1.03
CA PHE A 416 11.14 -16.32 0.44
C PHE A 416 9.91 -15.73 1.14
N TYR A 417 8.95 -16.60 1.49
CA TYR A 417 7.78 -16.16 2.22
C TYR A 417 8.19 -15.53 3.57
N GLU A 418 9.18 -16.10 4.25
CA GLU A 418 9.63 -15.51 5.50
C GLU A 418 10.07 -14.06 5.30
N GLN A 419 10.73 -13.78 4.16
CA GLN A 419 11.18 -12.43 3.87
C GLN A 419 9.97 -11.52 3.67
N VAL A 420 8.97 -12.02 2.89
CA VAL A 420 7.76 -11.24 2.66
C VAL A 420 6.98 -11.04 3.97
N ALA A 421 6.86 -12.09 4.79
CA ALA A 421 6.15 -11.96 6.06
C ALA A 421 6.78 -10.91 6.97
N GLU A 422 8.13 -10.89 7.02
CA GLU A 422 8.87 -10.03 7.92
C GLU A 422 8.73 -8.59 7.44
N SER A 423 8.82 -8.39 6.12
CA SER A 423 8.52 -7.13 5.47
C SER A 423 7.16 -6.62 5.96
N ALA A 424 6.13 -7.48 5.90
CA ALA A 424 4.79 -7.09 6.32
C ALA A 424 4.76 -6.79 7.82
N LYS A 425 5.57 -7.52 8.60
CA LYS A 425 5.61 -7.25 10.02
C LYS A 425 6.20 -5.85 10.27
N GLU A 426 7.23 -5.43 9.50
CA GLU A 426 7.82 -4.10 9.59
C GLU A 426 6.88 -3.01 9.07
N SER A 427 6.30 -3.22 7.86
CA SER A 427 5.28 -2.42 7.22
C SER A 427 4.20 -2.03 8.21
N GLY A 428 3.85 -2.99 9.08
CA GLY A 428 2.64 -2.90 9.86
C GLY A 428 1.40 -3.35 9.09
N GLU A 429 1.51 -3.85 7.83
CA GLU A 429 0.36 -4.31 7.05
C GLU A 429 0.18 -5.82 7.21
N PRO A 430 -0.89 -6.33 7.87
CA PRO A 430 -0.96 -7.75 8.26
C PRO A 430 -1.25 -8.66 7.07
N ILE A 431 -0.55 -9.80 7.08
CA ILE A 431 -0.56 -10.84 6.08
C ILE A 431 -0.79 -12.17 6.80
N TRP A 432 -1.41 -13.13 6.12
CA TRP A 432 -1.61 -14.47 6.66
C TRP A 432 -1.58 -15.50 5.51
N GLN A 433 -0.76 -16.53 5.70
CA GLN A 433 -0.63 -17.54 4.67
C GLN A 433 -1.77 -18.55 4.70
N LEU A 434 -2.18 -18.96 3.49
CA LEU A 434 -3.17 -19.99 3.21
C LEU A 434 -2.42 -21.06 2.44
N PRO A 435 -2.77 -22.36 2.62
CA PRO A 435 -1.95 -23.44 2.06
C PRO A 435 -2.24 -23.63 0.59
N ILE A 436 -1.22 -23.99 -0.19
CA ILE A 436 -1.38 -24.73 -1.43
C ILE A 436 -0.94 -26.18 -1.23
N THR A 437 -1.88 -27.13 -1.30
CA THR A 437 -1.57 -28.53 -1.17
C THR A 437 -1.63 -29.22 -2.53
N GLU A 438 -1.24 -30.50 -2.55
CA GLU A 438 -1.29 -31.29 -3.77
C GLU A 438 -2.73 -31.43 -4.25
N LYS A 439 -3.65 -31.57 -3.29
CA LYS A 439 -5.07 -31.71 -3.61
C LYS A 439 -5.54 -30.44 -4.32
N ASP A 440 -5.01 -29.30 -3.83
CA ASP A 440 -5.31 -28.02 -4.46
C ASP A 440 -4.83 -27.96 -5.91
N LYS A 441 -3.59 -28.40 -6.18
CA LYS A 441 -3.11 -28.42 -7.57
C LYS A 441 -3.90 -29.42 -8.39
N LYS A 442 -4.39 -30.48 -7.75
CA LYS A 442 -5.24 -31.42 -8.45
C LYS A 442 -6.49 -30.70 -8.97
N ARG A 443 -7.17 -29.93 -8.11
CA ARG A 443 -8.38 -29.21 -8.52
C ARG A 443 -8.14 -28.26 -9.71
N VAL A 444 -7.02 -27.53 -9.68
CA VAL A 444 -6.77 -26.52 -10.69
C VAL A 444 -6.34 -27.17 -12.00
N ARG A 445 -5.72 -28.37 -11.90
CA ARG A 445 -5.34 -29.15 -13.08
C ARG A 445 -6.54 -29.92 -13.64
N ASN A 446 -7.66 -29.88 -12.91
CA ASN A 446 -8.83 -30.61 -13.34
C ASN A 446 -9.62 -29.85 -14.39
N SER A 447 -9.24 -30.05 -15.64
CA SER A 447 -10.02 -29.48 -16.70
C SER A 447 -10.17 -30.56 -17.76
N GLN A 448 -11.37 -30.68 -18.34
CA GLN A 448 -11.53 -31.72 -19.35
C GLN A 448 -10.69 -31.36 -20.59
N MET A 449 -10.55 -30.05 -20.86
CA MET A 449 -10.07 -29.59 -22.15
C MET A 449 -8.67 -28.97 -22.11
N ALA A 450 -8.19 -28.47 -20.95
CA ALA A 450 -6.94 -27.73 -20.94
C ALA A 450 -6.06 -28.15 -19.76
N ASP A 451 -4.87 -27.52 -19.67
CA ASP A 451 -3.90 -27.82 -18.62
C ASP A 451 -4.43 -27.37 -17.26
N LEU A 452 -5.22 -26.29 -17.29
CA LEU A 452 -5.58 -25.54 -16.09
C LEU A 452 -7.02 -25.07 -16.22
N ASN A 453 -7.64 -24.97 -15.05
CA ASN A 453 -9.03 -24.60 -14.87
C ASN A 453 -9.04 -23.25 -14.13
N ASN A 454 -9.57 -22.18 -14.76
CA ASN A 454 -9.50 -20.84 -14.20
C ASN A 454 -10.49 -20.62 -13.06
N SER A 455 -11.34 -21.60 -12.71
CA SER A 455 -12.32 -21.32 -11.67
C SER A 455 -13.01 -22.59 -11.20
N PRO A 456 -12.39 -23.34 -10.27
CA PRO A 456 -13.01 -24.58 -9.78
C PRO A 456 -14.18 -24.51 -8.79
N GLY A 457 -14.59 -23.32 -8.31
CA GLY A 457 -15.65 -23.26 -7.30
C GLY A 457 -15.28 -22.43 -6.08
N ARG A 458 -16.26 -22.33 -5.15
CA ARG A 458 -16.13 -21.45 -4.00
C ARG A 458 -15.26 -22.10 -2.90
N GLU A 459 -15.05 -23.43 -2.99
CA GLU A 459 -14.34 -24.18 -1.97
C GLU A 459 -12.87 -23.85 -2.06
N GLY A 460 -12.33 -23.27 -0.97
CA GLY A 460 -10.98 -22.73 -0.94
C GLY A 460 -10.79 -21.78 -2.11
N HIS A 461 -11.79 -20.91 -2.24
CA HIS A 461 -11.90 -19.95 -3.32
C HIS A 461 -10.56 -19.20 -3.58
N ALA A 462 -10.03 -18.50 -2.55
CA ALA A 462 -8.80 -17.74 -2.65
C ALA A 462 -7.59 -18.62 -2.95
N ILE A 463 -7.55 -19.83 -2.37
CA ILE A 463 -6.49 -20.79 -2.63
C ILE A 463 -6.54 -21.28 -4.08
N MET A 464 -7.74 -21.40 -4.65
CA MET A 464 -7.75 -21.84 -6.04
C MET A 464 -7.03 -20.82 -6.90
N ALA A 465 -7.18 -19.52 -6.58
CA ALA A 465 -6.60 -18.52 -7.44
C ALA A 465 -5.08 -18.47 -7.24
N GLY A 466 -4.63 -18.58 -5.97
CA GLY A 466 -3.21 -18.70 -5.64
C GLY A 466 -2.57 -19.88 -6.35
N THR A 467 -3.22 -21.06 -6.24
CA THR A 467 -2.75 -22.32 -6.80
C THR A 467 -2.56 -22.21 -8.32
N PHE A 468 -3.50 -21.56 -9.00
CA PHE A 468 -3.41 -21.35 -10.43
C PHE A 468 -2.16 -20.52 -10.75
N LEU A 469 -1.94 -19.43 -9.99
CA LEU A 469 -0.85 -18.52 -10.30
C LEU A 469 0.50 -19.22 -10.11
N GLY A 470 0.63 -19.99 -9.02
CA GLY A 470 1.85 -20.73 -8.73
C GLY A 470 2.26 -21.72 -9.82
N GLU A 471 1.33 -22.19 -10.64
CA GLU A 471 1.75 -23.03 -11.74
C GLU A 471 2.56 -22.21 -12.73
N PHE A 472 2.32 -20.89 -12.81
CA PHE A 472 3.05 -20.09 -13.76
C PHE A 472 4.40 -19.72 -13.17
N ALA A 473 4.44 -19.75 -11.83
CA ALA A 473 5.63 -19.45 -11.05
C ALA A 473 6.68 -20.53 -11.25
N GLU A 474 6.22 -21.79 -11.48
CA GLU A 474 7.08 -22.97 -11.61
C GLU A 474 8.03 -22.98 -10.41
N ASN A 475 9.33 -22.84 -10.65
CA ASN A 475 10.32 -23.05 -9.60
C ASN A 475 10.79 -21.76 -8.94
N THR A 476 10.54 -20.61 -9.57
CA THR A 476 10.93 -19.33 -9.03
C THR A 476 10.24 -19.07 -7.68
N PRO A 477 10.98 -18.76 -6.60
CA PRO A 477 10.34 -18.52 -5.31
C PRO A 477 9.32 -17.40 -5.50
N TRP A 478 8.09 -17.67 -5.03
CA TRP A 478 7.01 -16.75 -5.34
C TRP A 478 6.07 -16.56 -4.15
N VAL A 479 5.51 -15.34 -4.06
CA VAL A 479 4.45 -15.05 -3.12
C VAL A 479 3.32 -14.33 -3.85
N HIS A 480 2.10 -14.81 -3.61
CA HIS A 480 0.90 -14.16 -4.11
C HIS A 480 0.17 -13.47 -2.95
N LEU A 481 -0.32 -12.26 -3.20
CA LEU A 481 -1.03 -11.47 -2.18
C LEU A 481 -2.39 -11.03 -2.69
N ASP A 482 -3.43 -11.55 -2.02
CA ASP A 482 -4.80 -11.25 -2.41
C ASP A 482 -5.30 -10.11 -1.54
N ILE A 483 -5.50 -8.95 -2.18
CA ILE A 483 -5.88 -7.75 -1.44
C ILE A 483 -7.29 -7.32 -1.81
N ALA A 484 -8.10 -8.28 -2.26
CA ALA A 484 -9.49 -7.97 -2.54
C ALA A 484 -10.17 -7.38 -1.32
N GLY A 485 -9.77 -7.79 -0.12
CA GLY A 485 -10.50 -7.30 1.03
C GLY A 485 -9.85 -6.07 1.66
N THR A 486 -8.52 -5.98 1.58
CA THR A 486 -7.74 -4.95 2.26
C THR A 486 -7.50 -3.74 1.35
N ALA A 487 -7.74 -3.86 0.01
CA ALA A 487 -7.48 -2.74 -0.89
C ALA A 487 -8.49 -1.59 -0.70
N THR A 488 -9.65 -1.85 -0.10
CA THR A 488 -10.64 -0.78 0.09
C THR A 488 -11.26 -0.91 1.47
N ALA A 489 -11.91 0.15 1.90
CA ALA A 489 -12.53 0.15 3.20
C ALA A 489 -13.77 1.04 3.12
N ASN A 490 -14.85 0.60 3.79
CA ASN A 490 -16.18 1.21 3.79
C ASN A 490 -16.18 2.52 4.57
N LYS A 491 -15.39 2.57 5.63
CA LYS A 491 -15.43 3.69 6.54
C LYS A 491 -14.01 4.27 6.70
N ALA A 492 -13.93 5.58 6.91
CA ALA A 492 -12.74 6.27 7.40
C ALA A 492 -12.30 5.71 8.75
N THR A 493 -10.99 5.84 9.00
CA THR A 493 -10.29 5.48 10.24
C THR A 493 -9.23 6.56 10.50
N CYS A 494 -8.50 6.45 11.61
CA CYS A 494 -7.43 7.39 11.92
C CYS A 494 -6.45 7.50 10.74
N PHE A 495 -6.31 6.44 9.92
CA PHE A 495 -5.23 6.33 8.95
C PHE A 495 -5.69 6.62 7.53
N GLY A 496 -6.94 7.09 7.39
CA GLY A 496 -7.31 7.73 6.14
C GLY A 496 -8.79 7.62 5.79
N PRO A 497 -9.22 8.18 4.63
CA PRO A 497 -10.63 8.21 4.29
C PRO A 497 -11.19 6.83 3.90
N ALA A 498 -12.52 6.66 3.88
CA ALA A 498 -13.17 5.59 3.13
C ALA A 498 -12.56 5.50 1.72
N GLY A 499 -12.83 4.36 1.05
CA GLY A 499 -12.33 4.09 -0.29
C GLY A 499 -11.00 3.34 -0.27
N ALA A 500 -10.12 3.65 -1.23
CA ALA A 500 -8.87 2.93 -1.43
C ALA A 500 -7.97 3.08 -0.21
N THR A 501 -7.15 2.06 0.13
CA THR A 501 -6.27 2.14 1.30
C THR A 501 -4.81 2.23 0.88
N GLY A 502 -4.47 1.95 -0.40
CA GLY A 502 -3.09 1.88 -0.83
C GLY A 502 -2.32 0.73 -0.17
N VAL A 503 -3.03 -0.25 0.43
CA VAL A 503 -2.45 -1.46 1.00
C VAL A 503 -1.39 -2.04 0.08
N MET A 504 -0.35 -2.58 0.72
CA MET A 504 0.73 -3.38 0.12
C MET A 504 1.88 -2.56 -0.49
N ALA A 505 1.64 -1.28 -0.86
CA ALA A 505 2.71 -0.46 -1.41
C ALA A 505 3.90 -0.42 -0.45
N ARG A 506 3.62 -0.19 0.84
CA ARG A 506 4.67 -0.22 1.84
C ARG A 506 5.38 -1.57 1.88
N THR A 507 4.61 -2.66 1.92
CA THR A 507 5.21 -3.95 2.21
C THR A 507 6.13 -4.34 1.06
N LEU A 508 5.75 -3.98 -0.17
CA LEU A 508 6.62 -4.32 -1.27
C LEU A 508 7.92 -3.50 -1.16
N ALA A 509 7.79 -2.25 -0.70
CA ALA A 509 8.92 -1.35 -0.67
C ALA A 509 9.92 -1.88 0.35
N VAL A 510 9.41 -2.12 1.56
CA VAL A 510 10.21 -2.67 2.64
C VAL A 510 10.87 -3.97 2.19
N LEU A 511 10.15 -4.79 1.41
CA LEU A 511 10.72 -6.05 0.98
C LEU A 511 11.98 -5.81 0.14
N THR A 512 11.91 -4.83 -0.73
CA THR A 512 13.09 -4.50 -1.52
C THR A 512 14.23 -3.93 -0.66
N GLU A 513 13.93 -3.23 0.45
CA GLU A 513 15.04 -2.87 1.33
C GLU A 513 15.65 -4.15 1.89
N ARG A 514 14.81 -5.01 2.45
CA ARG A 514 15.34 -6.00 3.35
C ARG A 514 15.75 -7.26 2.61
N PHE A 515 15.52 -7.33 1.30
CA PHE A 515 15.64 -8.61 0.64
C PHE A 515 17.12 -9.00 0.51
N THR A 516 17.51 -10.19 0.99
CA THR A 516 18.80 -10.71 0.55
C THR A 516 18.61 -12.08 -0.08
N PRO A 517 19.33 -12.37 -1.19
CA PRO A 517 19.19 -13.63 -1.95
C PRO A 517 19.51 -14.92 -1.19
N GLU A 518 19.41 -16.07 -1.87
CA GLU A 518 19.41 -17.37 -1.22
C GLU A 518 20.24 -17.35 0.07
#